data_3MJH
#
_entry.id   3MJH
#
_cell.length_a   46.412
_cell.length_b   80.398
_cell.length_c   103.495
_cell.angle_alpha   90.00
_cell.angle_beta   90.00
_cell.angle_gamma   90.00
#
_symmetry.space_group_name_H-M   'P 21 21 21'
#
loop_
_entity.id
_entity.type
_entity.pdbx_description
1 polymer 'Ras-related protein Rab-5A'
2 polymer 'Early endosome antigen 1'
3 non-polymer "GUANOSINE-5'-TRIPHOSPHATE"
4 non-polymer 'MAGNESIUM ION'
5 non-polymer 'ZINC ION'
6 water water
#
loop_
_entity_poly.entity_id
_entity_poly.type
_entity_poly.pdbx_seq_one_letter_code
_entity_poly.pdbx_strand_id
1 'polypeptide(L)'
;NKICQFKLVLLGESAVGKSSLVLRFVKGQFHEFQESTIGAAFLTQTVCLDDTTVKFEIWDTAGLERYHSLAPMYYRGAQA
AIVVYDITNEESFARAKNWVKELQRQASPNIVIALSGNKADLANKRAVDFQEAQSYADDNSLLFMETSAKTSMNVNEIFM
AIAKKLPK
;
A,C
2 'polypeptide(L)' SSSEGFICPQCMKSLGSADELFKHYEAVHDAGND B,D
#
loop_
_chem_comp.id
_chem_comp.type
_chem_comp.name
_chem_comp.formula
GTP non-polymer GUANOSINE-5'-TRIPHOSPHATE 'C10 H16 N5 O14 P3'
MG non-polymer 'MAGNESIUM ION' 'Mg 2'
ZN non-polymer 'ZINC ION' 'Zn 2'
#
# COMPACT_ATOMS: atom_id res chain seq x y z
N ASN A 1 40.38 2.59 12.70
CA ASN A 1 38.96 2.89 12.98
C ASN A 1 38.29 3.58 11.79
N LYS A 2 36.95 3.51 11.74
CA LYS A 2 36.16 4.12 10.68
C LYS A 2 34.68 4.17 11.10
N ILE A 3 33.90 4.99 10.40
CA ILE A 3 32.48 5.18 10.70
C ILE A 3 31.64 4.79 9.49
N CYS A 4 30.68 3.90 9.71
CA CYS A 4 29.74 3.49 8.66
C CYS A 4 28.33 3.89 9.09
N GLN A 5 27.61 4.58 8.20
CA GLN A 5 26.23 5.01 8.45
C GLN A 5 25.27 4.15 7.64
N PHE A 6 24.15 3.80 8.27
CA PHE A 6 23.10 3.02 7.61
C PHE A 6 21.73 3.49 8.02
N LYS A 7 20.82 3.62 7.06
CA LYS A 7 19.40 3.85 7.35
C LYS A 7 18.74 2.53 7.72
N LEU A 8 18.06 2.53 8.86
CA LEU A 8 17.36 1.36 9.36
C LEU A 8 15.88 1.70 9.58
N VAL A 9 14.99 0.80 9.18
CA VAL A 9 13.54 1.01 9.35
C VAL A 9 12.91 -0.10 10.22
N LEU A 10 12.01 0.31 11.12
CA LEU A 10 11.24 -0.60 11.96
C LEU A 10 9.83 -0.70 11.40
N LEU A 11 9.39 -1.93 11.17
CA LEU A 11 8.06 -2.20 10.61
C LEU A 11 7.38 -3.29 11.42
N GLY A 12 6.06 -3.21 11.49
CA GLY A 12 5.29 -4.24 12.16
C GLY A 12 3.96 -3.72 12.63
N GLU A 13 3.10 -4.64 13.04
CA GLU A 13 1.73 -4.32 13.45
C GLU A 13 1.73 -3.36 14.64
N SER A 14 0.74 -2.49 14.73
CA SER A 14 0.64 -1.59 15.88
C SER A 14 0.67 -2.37 17.21
N ALA A 15 1.35 -1.77 18.19
CA ALA A 15 1.40 -2.25 19.57
C ALA A 15 2.31 -3.46 19.82
N VAL A 16 3.03 -3.90 18.78
CA VAL A 16 4.00 -5.01 18.95
C VAL A 16 5.23 -4.61 19.76
N GLY A 17 5.56 -3.32 19.79
CA GLY A 17 6.66 -2.81 20.58
C GLY A 17 7.83 -2.17 19.83
N LYS A 18 7.58 -1.63 18.65
CA LYS A 18 8.63 -1.03 17.80
C LYS A 18 9.29 0.20 18.44
N SER A 19 8.45 1.12 18.94
CA SER A 19 8.95 2.32 19.61
C SER A 19 9.61 1.97 20.94
N SER A 20 9.13 0.93 21.62
CA SER A 20 9.74 0.49 22.87
C SER A 20 11.12 -0.11 22.63
N LEU A 21 11.22 -0.97 21.60
CA LEU A 21 12.49 -1.59 21.20
C LEU A 21 13.55 -0.52 20.92
N VAL A 22 13.19 0.46 20.11
CA VAL A 22 14.15 1.48 19.74
C VAL A 22 14.48 2.43 20.90
N LEU A 23 13.49 2.76 21.73
CA LEU A 23 13.78 3.58 22.91
C LEU A 23 14.77 2.85 23.82
N ARG A 24 14.60 1.54 23.94
CA ARG A 24 15.51 0.77 24.78
C ARG A 24 16.92 0.86 24.24
N PHE A 25 17.06 0.67 22.92
CA PHE A 25 18.36 0.66 22.24
C PHE A 25 19.02 2.01 22.26
N VAL A 26 18.22 3.04 22.00
CA VAL A 26 18.75 4.40 21.86
C VAL A 26 18.99 5.06 23.22
N LYS A 27 18.03 4.93 24.13
CA LYS A 27 18.03 5.67 25.38
C LYS A 27 18.24 4.82 26.62
N GLY A 28 18.17 3.50 26.48
CA GLY A 28 18.19 2.63 27.65
C GLY A 28 16.96 2.85 28.52
N GLN A 29 15.85 3.19 27.87
CA GLN A 29 14.58 3.49 28.54
C GLN A 29 13.46 2.61 27.98
N PHE A 30 12.36 2.53 28.73
CA PHE A 30 11.15 1.78 28.33
C PHE A 30 9.94 2.36 29.06
N HIS A 31 8.86 2.66 28.34
CA HIS A 31 7.63 3.20 28.96
C HIS A 31 6.49 2.20 28.85
N GLU A 32 5.91 1.78 29.97
CA GLU A 32 4.70 0.94 29.95
C GLU A 32 3.57 1.63 29.19
N PHE A 33 3.55 2.96 29.23
CA PHE A 33 2.44 3.72 28.67
C PHE A 33 2.85 4.44 27.38
N GLN A 34 3.83 3.86 26.67
CA GLN A 34 4.29 4.41 25.40
C GLN A 34 3.09 4.74 24.53
N GLU A 35 3.11 5.91 23.92
CA GLU A 35 2.03 6.35 23.03
C GLU A 35 2.19 5.77 21.64
N SER A 36 1.08 5.36 21.03
CA SER A 36 1.06 4.92 19.64
C SER A 36 1.68 6.00 18.75
N THR A 37 2.55 5.57 17.84
CA THR A 37 3.26 6.49 16.93
C THR A 37 2.31 7.03 15.87
N ILE A 38 2.39 8.32 15.58
CA ILE A 38 1.68 8.91 14.46
C ILE A 38 2.68 9.24 13.35
N GLY A 39 2.55 8.55 12.23
CA GLY A 39 3.46 8.75 11.10
C GLY A 39 4.77 7.98 11.25
N ALA A 40 5.82 8.66 11.70
CA ALA A 40 7.14 8.06 11.95
C ALA A 40 8.04 8.93 12.81
N ALA A 41 8.86 8.29 13.65
CA ALA A 41 9.85 8.99 14.47
C ALA A 41 11.30 8.69 14.05
N PHE A 42 12.15 9.72 14.09
CA PHE A 42 13.59 9.57 13.79
C PHE A 42 14.41 9.48 15.07
N LEU A 43 15.31 8.51 15.10
CA LEU A 43 16.24 8.32 16.20
C LEU A 43 17.57 7.83 15.64
N THR A 44 18.65 7.96 16.41
CA THR A 44 19.97 7.46 16.00
C THR A 44 20.76 6.91 17.19
N GLN A 45 21.57 5.88 16.92
CA GLN A 45 22.44 5.26 17.92
C GLN A 45 23.56 4.51 17.19
N THR A 46 24.65 4.24 17.90
CA THR A 46 25.82 3.56 17.34
C THR A 46 26.08 2.22 18.04
N VAL A 47 26.82 1.34 17.37
CA VAL A 47 27.43 0.18 18.00
C VAL A 47 28.87 0.18 17.49
N CYS A 48 29.77 -0.52 18.18
CA CYS A 48 31.13 -0.69 17.67
C CYS A 48 31.48 -2.16 17.58
N LEU A 49 32.07 -2.51 16.47
CA LEU A 49 32.56 -3.85 16.25
C LEU A 49 33.71 -3.83 15.25
N ASP A 50 34.68 -4.71 15.43
CA ASP A 50 35.76 -4.87 14.50
C ASP A 50 36.37 -3.54 14.08
N ASP A 51 36.58 -2.68 15.05
CA ASP A 51 37.16 -1.36 14.86
C ASP A 51 36.26 -0.34 14.16
N THR A 52 35.08 -0.75 13.79
CA THR A 52 34.17 0.06 13.04
C THR A 52 33.03 0.60 13.90
N THR A 53 32.85 1.91 13.90
CA THR A 53 31.68 2.56 14.48
C THR A 53 30.50 2.50 13.52
N VAL A 54 29.45 1.78 13.87
CA VAL A 54 28.28 1.62 13.01
C VAL A 54 27.14 2.52 13.51
N LYS A 55 26.82 3.54 12.71
CA LYS A 55 25.80 4.51 13.08
C LYS A 55 24.49 4.27 12.34
N PHE A 56 23.44 3.98 13.11
CA PHE A 56 22.11 3.76 12.58
C PHE A 56 21.31 5.05 12.57
N GLU A 57 20.75 5.37 11.40
CA GLU A 57 19.73 6.40 11.24
C GLU A 57 18.41 5.66 11.22
N ILE A 58 17.62 5.77 12.28
CA ILE A 58 16.48 4.88 12.46
C ILE A 58 15.14 5.58 12.20
N TRP A 59 14.32 4.97 11.36
CA TRP A 59 12.94 5.39 11.17
C TRP A 59 11.97 4.42 11.82
N ASP A 60 11.36 4.88 12.91
CA ASP A 60 10.37 4.11 13.64
C ASP A 60 8.98 4.42 13.08
N THR A 61 8.42 3.53 12.26
CA THR A 61 7.14 3.83 11.59
C THR A 61 5.91 3.50 12.45
N ALA A 62 4.81 4.23 12.22
CA ALA A 62 3.51 3.86 12.78
C ALA A 62 3.03 2.59 12.12
N GLY A 63 2.66 1.59 12.92
CA GLY A 63 2.23 0.28 12.40
C GLY A 63 0.80 0.19 11.91
N LEU A 64 -0.04 1.11 12.34
CA LEU A 64 -1.44 1.11 11.99
C LEU A 64 -1.63 1.04 10.50
N GLU A 65 -2.57 0.21 10.07
CA GLU A 65 -2.82 -0.05 8.65
C GLU A 65 -3.06 1.19 7.82
N ARG A 66 -3.65 2.20 8.42
CA ARG A 66 -3.91 3.46 7.71
C ARG A 66 -2.62 4.16 7.23
N TYR A 67 -1.49 3.78 7.82
CA TYR A 67 -0.19 4.34 7.46
C TYR A 67 0.62 3.44 6.53
N HIS A 68 0.03 2.32 6.09
CA HIS A 68 0.75 1.38 5.24
C HIS A 68 1.43 2.05 4.04
N SER A 69 0.70 2.97 3.39
CA SER A 69 1.17 3.52 2.13
C SER A 69 2.29 4.54 2.31
N LEU A 70 2.53 4.92 3.56
CA LEU A 70 3.67 5.78 3.90
C LEU A 70 4.97 5.01 4.14
N ALA A 71 4.84 3.72 4.46
CA ALA A 71 5.99 2.87 4.80
C ALA A 71 7.08 2.87 3.70
N PRO A 72 6.69 2.73 2.41
CA PRO A 72 7.70 2.74 1.35
C PRO A 72 8.55 4.01 1.26
N MET A 73 8.02 5.13 1.73
CA MET A 73 8.77 6.37 1.78
C MET A 73 9.90 6.25 2.81
N TYR A 74 9.62 5.55 3.91
CA TYR A 74 10.61 5.35 4.96
C TYR A 74 11.60 4.20 4.71
N TYR A 75 11.21 3.16 3.97
CA TYR A 75 12.17 2.11 3.67
C TYR A 75 12.90 2.27 2.33
N ARG A 76 12.54 3.30 1.58
CA ARG A 76 13.32 3.70 0.41
C ARG A 76 14.77 3.96 0.82
N GLY A 77 15.69 3.22 0.21
CA GLY A 77 17.12 3.40 0.50
C GLY A 77 17.58 2.93 1.88
N ALA A 78 16.68 2.23 2.60
CA ALA A 78 17.05 1.61 3.87
C ALA A 78 17.93 0.41 3.60
N GLN A 79 19.01 0.32 4.36
CA GLN A 79 19.99 -0.76 4.22
C GLN A 79 19.73 -1.86 5.23
N ALA A 80 18.90 -1.57 6.23
CA ALA A 80 18.50 -2.54 7.25
C ALA A 80 17.04 -2.33 7.63
N ALA A 81 16.37 -3.41 8.01
CA ALA A 81 15.07 -3.33 8.63
C ALA A 81 14.95 -4.28 9.82
N ILE A 82 14.10 -3.90 10.77
CA ILE A 82 13.65 -4.82 11.80
C ILE A 82 12.14 -4.92 11.66
N VAL A 83 11.66 -6.11 11.37
CA VAL A 83 10.22 -6.34 11.36
C VAL A 83 9.90 -6.99 12.69
N VAL A 84 8.98 -6.37 13.43
CA VAL A 84 8.72 -6.77 14.80
C VAL A 84 7.33 -7.42 14.88
N TYR A 85 7.25 -8.53 15.62
CA TYR A 85 5.95 -9.08 16.03
C TYR A 85 5.93 -9.26 17.56
N ASP A 86 4.77 -9.66 18.06
CA ASP A 86 4.54 -9.89 19.50
C ASP A 86 4.37 -11.38 19.69
N ILE A 87 5.27 -11.99 20.48
CA ILE A 87 5.25 -13.46 20.66
C ILE A 87 3.92 -13.97 21.24
N THR A 88 3.17 -13.10 21.92
CA THR A 88 1.86 -13.46 22.49
C THR A 88 0.72 -13.30 21.47
N ASN A 89 1.08 -12.92 20.24
CA ASN A 89 0.09 -12.62 19.21
C ASN A 89 0.48 -13.27 17.87
N GLU A 90 -0.13 -14.41 17.57
CA GLU A 90 0.21 -15.16 16.34
C GLU A 90 -0.16 -14.40 15.08
N GLU A 91 -1.23 -13.62 15.14
CA GLU A 91 -1.64 -12.76 14.03
C GLU A 91 -0.62 -11.64 13.72
N SER A 92 -0.05 -11.04 14.77
CA SER A 92 1.04 -10.08 14.59
C SER A 92 2.23 -10.71 13.85
N PHE A 93 2.43 -12.01 14.05
CA PHE A 93 3.47 -12.74 13.32
C PHE A 93 3.12 -12.96 11.85
N ALA A 94 1.83 -13.13 11.55
CA ALA A 94 1.35 -13.22 10.17
C ALA A 94 1.56 -11.90 9.42
N ARG A 95 1.22 -10.80 10.07
CA ARG A 95 1.47 -9.45 9.55
C ARG A 95 2.98 -9.18 9.36
N ALA A 96 3.80 -9.73 10.26
CA ALA A 96 5.26 -9.62 10.17
C ALA A 96 5.76 -10.29 8.89
N LYS A 97 5.25 -11.49 8.60
CA LYS A 97 5.64 -12.19 7.36
C LYS A 97 5.29 -11.36 6.13
N ASN A 98 4.12 -10.71 6.13
CA ASN A 98 3.73 -9.86 5.00
C ASN A 98 4.57 -8.59 4.86
N TRP A 99 5.11 -8.09 5.97
CA TRP A 99 6.08 -6.99 5.87
C TRP A 99 7.39 -7.49 5.28
N VAL A 100 7.84 -8.66 5.72
CA VAL A 100 9.05 -9.30 5.16
C VAL A 100 8.88 -9.50 3.64
N LYS A 101 7.71 -9.92 3.21
CA LYS A 101 7.43 -10.10 1.81
C LYS A 101 7.49 -8.79 1.02
N GLU A 102 6.80 -7.77 1.48
CA GLU A 102 6.87 -6.48 0.90
C GLU A 102 8.31 -5.99 0.80
N LEU A 103 9.08 -6.18 1.84
CA LEU A 103 10.47 -5.80 1.78
C LEU A 103 11.24 -6.58 0.69
N GLN A 104 11.00 -7.89 0.59
CA GLN A 104 11.67 -8.69 -0.45
C GLN A 104 11.31 -8.19 -1.86
N ARG A 105 10.05 -7.84 -2.05
CA ARG A 105 9.57 -7.36 -3.35
C ARG A 105 9.93 -5.90 -3.68
N GLN A 106 9.92 -5.01 -2.68
CA GLN A 106 9.96 -3.55 -2.92
C GLN A 106 11.14 -2.75 -2.34
N ALA A 107 11.92 -3.37 -1.46
CA ALA A 107 13.07 -2.69 -0.85
C ALA A 107 14.35 -2.94 -1.64
N SER A 108 15.41 -2.20 -1.29
CA SER A 108 16.73 -2.37 -1.90
C SER A 108 17.18 -3.82 -1.83
N PRO A 109 17.73 -4.34 -2.93
CA PRO A 109 18.19 -5.73 -2.98
C PRO A 109 19.20 -6.09 -1.87
N ASN A 110 19.99 -5.12 -1.41
CA ASN A 110 20.97 -5.42 -0.35
C ASN A 110 20.45 -5.41 1.10
N ILE A 111 19.18 -5.08 1.31
CA ILE A 111 18.67 -4.87 2.68
C ILE A 111 18.96 -6.06 3.61
N VAL A 112 19.48 -5.76 4.80
CA VAL A 112 19.63 -6.76 5.86
C VAL A 112 18.39 -6.70 6.76
N ILE A 113 17.63 -7.79 6.80
CA ILE A 113 16.37 -7.81 7.56
C ILE A 113 16.53 -8.61 8.85
N ALA A 114 16.16 -8.00 9.96
CA ALA A 114 16.07 -8.67 11.24
C ALA A 114 14.61 -8.89 11.61
N LEU A 115 14.33 -10.01 12.24
CA LEU A 115 12.99 -10.31 12.76
C LEU A 115 13.05 -10.31 14.28
N SER A 116 12.20 -9.49 14.89
CA SER A 116 12.12 -9.43 16.36
C SER A 116 10.83 -10.08 16.83
N GLY A 117 10.97 -11.12 17.64
CA GLY A 117 9.86 -11.67 18.41
C GLY A 117 9.84 -10.99 19.77
N ASN A 118 9.12 -9.85 19.84
CA ASN A 118 9.16 -8.97 20.98
C ASN A 118 8.16 -9.37 22.07
N LYS A 119 8.32 -8.77 23.26
CA LYS A 119 7.50 -9.09 24.45
C LYS A 119 7.77 -10.51 24.95
N ALA A 120 8.99 -10.98 24.70
CA ALA A 120 9.37 -12.34 25.13
C ALA A 120 9.44 -12.49 26.66
N ASP A 121 9.25 -11.41 27.37
CA ASP A 121 9.16 -11.45 28.81
C ASP A 121 7.82 -12.04 29.23
N LEU A 122 6.90 -12.07 28.30
CA LEU A 122 5.59 -12.64 28.51
C LEU A 122 5.50 -14.05 27.98
N ALA A 123 6.55 -14.82 28.15
CA ALA A 123 6.66 -16.11 27.53
C ALA A 123 5.64 -17.11 28.01
N ASN A 124 5.09 -16.87 29.18
CA ASN A 124 4.03 -17.74 29.66
C ASN A 124 2.71 -17.54 28.97
N LYS A 125 2.60 -16.50 28.16
CA LYS A 125 1.49 -16.31 27.25
C LYS A 125 1.89 -16.47 25.78
N ARG A 126 3.00 -17.11 25.54
CA ARG A 126 3.49 -17.34 24.20
C ARG A 126 2.40 -17.92 23.29
N ALA A 127 2.27 -17.36 22.09
CA ALA A 127 1.42 -17.94 21.04
C ALA A 127 2.27 -18.40 19.85
N VAL A 128 3.42 -17.74 19.64
CA VAL A 128 4.30 -18.07 18.53
C VAL A 128 5.53 -18.84 19.03
N ASP A 129 5.61 -20.10 18.61
CA ASP A 129 6.72 -20.98 18.99
C ASP A 129 8.03 -20.46 18.43
N PHE A 130 9.08 -20.52 19.25
CA PHE A 130 10.40 -20.06 18.82
C PHE A 130 10.85 -20.70 17.51
N GLN A 131 10.75 -22.04 17.43
CA GLN A 131 11.31 -22.76 16.28
C GLN A 131 10.56 -22.51 14.99
N GLU A 132 9.27 -22.19 15.09
CA GLU A 132 8.51 -21.78 13.91
C GLU A 132 9.06 -20.47 13.34
N ALA A 133 9.29 -19.50 14.21
CA ALA A 133 9.80 -18.19 13.79
C ALA A 133 11.25 -18.31 13.26
N GLN A 134 12.05 -19.12 13.93
CA GLN A 134 13.44 -19.38 13.53
C GLN A 134 13.49 -20.04 12.15
N SER A 135 12.59 -20.99 11.93
CA SER A 135 12.53 -21.71 10.65
C SER A 135 12.18 -20.75 9.53
N TYR A 136 11.26 -19.84 9.80
CA TYR A 136 10.89 -18.83 8.83
C TYR A 136 12.05 -17.85 8.56
N ALA A 137 12.74 -17.44 9.63
CA ALA A 137 13.93 -16.58 9.53
C ALA A 137 15.07 -17.24 8.75
N ASP A 138 15.44 -18.45 9.17
CA ASP A 138 16.47 -19.23 8.47
C ASP A 138 16.19 -19.36 6.96
N ASP A 139 14.95 -19.71 6.61
CA ASP A 139 14.54 -19.89 5.21
C ASP A 139 14.60 -18.63 4.35
N ASN A 140 14.70 -17.46 5.00
CA ASN A 140 14.65 -16.17 4.31
C ASN A 140 15.84 -15.28 4.60
N SER A 141 16.86 -15.88 5.20
CA SER A 141 18.11 -15.20 5.57
C SER A 141 17.83 -13.95 6.42
N LEU A 142 16.85 -14.08 7.31
CA LEU A 142 16.57 -13.05 8.30
C LEU A 142 17.34 -13.34 9.57
N LEU A 143 17.76 -12.28 10.26
CA LEU A 143 18.35 -12.39 11.58
C LEU A 143 17.24 -12.40 12.62
N PHE A 144 17.08 -13.50 13.33
CA PHE A 144 15.97 -13.61 14.28
C PHE A 144 16.42 -13.73 15.72
N MET A 145 15.85 -12.88 16.58
CA MET A 145 15.96 -13.05 18.03
C MET A 145 14.62 -12.70 18.66
N GLU A 146 14.36 -13.34 19.79
CA GLU A 146 13.26 -12.92 20.65
C GLU A 146 13.81 -11.85 21.57
N THR A 147 13.09 -10.75 21.66
CA THR A 147 13.57 -9.58 22.38
C THR A 147 12.56 -9.21 23.44
N SER A 148 12.98 -8.40 24.39
CA SER A 148 12.04 -7.74 25.27
C SER A 148 12.55 -6.33 25.51
N ALA A 149 11.86 -5.35 24.94
CA ALA A 149 12.14 -3.96 25.24
C ALA A 149 11.98 -3.67 26.74
N LYS A 150 11.03 -4.35 27.37
CA LYS A 150 10.75 -4.18 28.81
C LYS A 150 11.96 -4.55 29.69
N THR A 151 12.48 -5.75 29.53
CA THR A 151 13.62 -6.22 30.31
C THR A 151 14.97 -5.89 29.74
N SER A 152 15.00 -5.63 28.44
CA SER A 152 16.17 -5.31 27.66
C SER A 152 16.80 -6.53 26.97
N MET A 153 16.17 -7.68 27.14
CA MET A 153 16.64 -8.91 26.58
C MET A 153 16.82 -8.86 25.09
N ASN A 154 18.04 -9.11 24.64
CA ASN A 154 18.41 -9.19 23.25
C ASN A 154 18.23 -7.91 22.40
N VAL A 155 18.01 -6.77 23.03
CA VAL A 155 17.80 -5.49 22.35
C VAL A 155 19.08 -4.97 21.69
N ASN A 156 20.15 -4.82 22.47
CA ASN A 156 21.46 -4.49 21.92
C ASN A 156 21.95 -5.58 20.97
N GLU A 157 21.64 -6.82 21.32
CA GLU A 157 22.10 -7.99 20.57
C GLU A 157 21.56 -8.02 19.16
N ILE A 158 20.30 -7.64 18.99
CA ILE A 158 19.71 -7.68 17.65
C ILE A 158 20.31 -6.60 16.75
N PHE A 159 20.55 -5.41 17.30
CA PHE A 159 21.18 -4.33 16.53
C PHE A 159 22.65 -4.64 16.21
N MET A 160 23.34 -5.34 17.13
CA MET A 160 24.71 -5.79 16.88
C MET A 160 24.78 -6.85 15.78
N ALA A 161 23.77 -7.72 15.74
CA ALA A 161 23.66 -8.77 14.71
C ALA A 161 23.48 -8.16 13.33
N ILE A 162 22.65 -7.13 13.26
CA ILE A 162 22.50 -6.38 12.02
C ILE A 162 23.84 -5.75 11.62
N ALA A 163 24.48 -5.02 12.51
CA ALA A 163 25.75 -4.39 12.22
C ALA A 163 26.80 -5.32 11.62
N LYS A 164 26.82 -6.56 12.08
CA LYS A 164 27.78 -7.59 11.72
C LYS A 164 27.59 -8.00 10.30
N LYS A 165 26.35 -8.12 9.93
CA LYS A 165 25.91 -8.57 8.62
C LYS A 165 26.03 -7.49 7.53
N LEU A 166 25.86 -6.23 7.92
CA LEU A 166 25.96 -5.11 6.99
C LEU A 166 27.35 -5.03 6.39
N PRO A 167 27.44 -4.65 5.10
CA PRO A 167 28.72 -4.48 4.45
C PRO A 167 29.43 -3.27 5.07
N LYS A 168 30.65 -3.48 5.53
CA LYS A 168 31.38 -2.46 6.28
C LYS A 168 32.75 -2.16 5.68
N SER B 1 11.38 21.53 15.55
CA SER B 1 10.97 20.48 14.57
C SER B 1 10.93 19.10 15.20
N SER B 2 9.73 18.57 15.40
CA SER B 2 9.52 17.32 16.11
C SER B 2 10.26 16.16 15.45
N SER B 3 10.79 15.26 16.28
CA SER B 3 11.50 14.09 15.77
C SER B 3 10.51 12.99 15.41
N GLU B 4 9.21 13.28 15.58
CA GLU B 4 8.13 12.36 15.25
C GLU B 4 6.97 13.10 14.59
N GLY B 5 6.39 12.46 13.59
CA GLY B 5 5.24 13.00 12.89
C GLY B 5 5.38 12.68 11.42
N PHE B 6 4.69 13.44 10.59
CA PHE B 6 4.79 13.30 9.16
C PHE B 6 6.05 14.01 8.62
N ILE B 7 7.21 13.51 9.06
CA ILE B 7 8.53 14.00 8.62
C ILE B 7 8.94 13.41 7.28
N CYS B 8 9.43 14.27 6.41
CA CYS B 8 10.00 13.83 5.14
C CYS B 8 11.38 13.24 5.42
N PRO B 9 11.57 11.95 5.14
CA PRO B 9 12.90 11.35 5.38
C PRO B 9 14.05 11.93 4.53
N GLN B 10 13.72 12.63 3.45
CA GLN B 10 14.74 13.20 2.55
C GLN B 10 15.32 14.53 3.01
N CYS B 11 14.47 15.43 3.50
CA CYS B 11 14.95 16.73 3.96
C CYS B 11 14.58 17.03 5.40
N MET B 12 13.94 16.07 6.07
CA MET B 12 13.50 16.22 7.46
C MET B 12 12.42 17.29 7.66
N LYS B 13 11.88 17.84 6.55
CA LYS B 13 10.74 18.77 6.65
C LYS B 13 9.57 18.09 7.40
N SER B 14 9.05 18.78 8.40
CA SER B 14 7.89 18.31 9.13
C SER B 14 6.63 18.89 8.49
N LEU B 15 5.74 18.02 8.05
CA LEU B 15 4.48 18.45 7.45
C LEU B 15 3.31 18.10 8.35
N GLY B 16 2.20 18.81 8.19
CA GLY B 16 1.09 18.75 9.14
C GLY B 16 0.20 17.54 9.02
N SER B 17 0.23 16.89 7.88
CA SER B 17 -0.61 15.71 7.67
C SER B 17 0.10 14.74 6.75
N ALA B 18 -0.41 13.52 6.66
CA ALA B 18 0.08 12.54 5.69
C ALA B 18 -0.07 13.07 4.25
N ASP B 19 -1.25 13.61 3.93
CA ASP B 19 -1.50 14.13 2.59
C ASP B 19 -0.52 15.24 2.22
N GLU B 20 -0.24 16.15 3.16
CA GLU B 20 0.76 17.21 2.94
C GLU B 20 2.17 16.62 2.71
N LEU B 21 2.50 15.53 3.41
CA LEU B 21 3.77 14.80 3.20
C LEU B 21 3.86 14.16 1.82
N PHE B 22 2.83 13.42 1.41
CA PHE B 22 2.79 12.85 0.06
C PHE B 22 2.89 13.93 -1.01
N LYS B 23 2.10 14.98 -0.85
CA LYS B 23 2.17 16.17 -1.71
C LYS B 23 3.58 16.74 -1.76
N HIS B 24 4.14 17.05 -0.59
CA HIS B 24 5.49 17.60 -0.51
C HIS B 24 6.51 16.71 -1.23
N TYR B 25 6.50 15.42 -0.89
CA TYR B 25 7.47 14.47 -1.46
C TYR B 25 7.41 14.42 -3.00
N GLU B 26 6.21 14.33 -3.54
CA GLU B 26 6.06 14.24 -5.01
C GLU B 26 6.47 15.51 -5.75
N ALA B 27 6.32 16.66 -5.09
CA ALA B 27 6.68 17.95 -5.69
C ALA B 27 8.19 18.22 -5.64
N VAL B 28 8.88 17.67 -4.67
CA VAL B 28 10.26 18.00 -4.48
C VAL B 28 11.21 16.85 -4.64
N HIS B 29 10.81 15.64 -4.34
CA HIS B 29 11.74 14.52 -4.44
C HIS B 29 11.53 13.42 -5.45
N ASP B 30 10.49 13.46 -6.23
CA ASP B 30 10.26 12.37 -7.16
C ASP B 30 10.67 12.72 -8.58
N ALA B 31 11.80 12.22 -9.06
CA ALA B 31 12.08 12.11 -10.50
C ALA B 31 11.85 13.39 -11.32
N GLY B 32 12.22 14.53 -10.75
CA GLY B 32 11.91 15.81 -11.35
C GLY B 32 10.52 16.35 -11.15
N ASN B 33 9.51 15.59 -11.53
CA ASN B 33 8.15 15.82 -11.12
C ASN B 33 7.24 14.68 -11.32
N ASP B 34 5.98 15.03 -11.25
CA ASP B 34 4.88 14.11 -11.20
C ASP B 34 4.49 14.12 -9.75
N LYS C 2 -20.95 15.52 -31.65
CA LYS C 2 -21.61 14.84 -30.56
C LYS C 2 -20.77 14.84 -29.28
N ILE C 3 -21.45 14.79 -28.16
CA ILE C 3 -20.81 14.62 -26.87
C ILE C 3 -21.54 13.59 -26.02
N CYS C 4 -20.80 12.71 -25.39
CA CYS C 4 -21.38 11.73 -24.51
C CYS C 4 -20.65 11.74 -23.21
N GLN C 5 -21.37 11.58 -22.12
CA GLN C 5 -20.77 11.41 -20.80
C GLN C 5 -21.11 10.01 -20.28
N PHE C 6 -20.10 9.31 -19.79
CA PHE C 6 -20.28 7.97 -19.22
C PHE C 6 -19.72 7.91 -17.81
N LYS C 7 -20.39 7.14 -16.96
CA LYS C 7 -19.91 6.81 -15.63
C LYS C 7 -18.98 5.58 -15.69
N LEU C 8 -17.78 5.71 -15.15
CA LEU C 8 -16.78 4.64 -15.21
C LEU C 8 -16.24 4.36 -13.81
N VAL C 9 -16.06 3.07 -13.48
CA VAL C 9 -15.61 2.69 -12.14
C VAL C 9 -14.36 1.81 -12.23
N LEU C 10 -13.43 2.00 -11.30
CA LEU C 10 -12.28 1.11 -11.19
C LEU C 10 -12.38 0.31 -9.90
N LEU C 11 -12.19 -1.00 -10.04
CA LEU C 11 -12.28 -1.95 -8.96
C LEU C 11 -11.05 -2.86 -8.94
N GLY C 12 -10.64 -3.27 -7.75
CA GLY C 12 -9.54 -4.22 -7.62
C GLY C 12 -8.86 -4.14 -6.26
N GLU C 13 -8.08 -5.16 -5.95
CA GLU C 13 -7.33 -5.23 -4.70
C GLU C 13 -6.50 -3.97 -4.39
N SER C 14 -6.31 -3.67 -3.10
CA SER C 14 -5.47 -2.53 -2.73
C SER C 14 -4.08 -2.65 -3.32
N ALA C 15 -3.54 -1.51 -3.76
CA ALA C 15 -2.18 -1.37 -4.27
C ALA C 15 -1.89 -1.97 -5.66
N VAL C 16 -2.91 -2.44 -6.38
CA VAL C 16 -2.74 -2.90 -7.79
C VAL C 16 -2.39 -1.74 -8.77
N GLY C 17 -2.72 -0.52 -8.38
CA GLY C 17 -2.43 0.66 -9.21
C GLY C 17 -3.63 1.44 -9.73
N LYS C 18 -4.80 1.24 -9.12
CA LYS C 18 -6.04 1.90 -9.53
C LYS C 18 -5.94 3.43 -9.62
N SER C 19 -5.41 4.04 -8.55
CA SER C 19 -5.32 5.50 -8.50
C SER C 19 -4.21 5.98 -9.41
N SER C 20 -3.18 5.16 -9.59
CA SER C 20 -2.11 5.50 -10.53
C SER C 20 -2.61 5.51 -11.99
N LEU C 21 -3.39 4.51 -12.37
CA LEU C 21 -3.97 4.48 -13.71
C LEU C 21 -4.78 5.75 -14.01
N VAL C 22 -5.59 6.15 -13.03
CA VAL C 22 -6.45 7.33 -13.14
C VAL C 22 -5.59 8.60 -13.20
N LEU C 23 -4.62 8.73 -12.30
CA LEU C 23 -3.65 9.83 -12.33
C LEU C 23 -2.94 9.96 -13.68
N ARG C 24 -2.56 8.83 -14.27
CA ARG C 24 -1.92 8.84 -15.59
C ARG C 24 -2.87 9.35 -16.66
N PHE C 25 -4.10 8.83 -16.66
CA PHE C 25 -5.10 9.17 -17.67
C PHE C 25 -5.59 10.61 -17.51
N VAL C 26 -5.82 11.01 -16.27
CA VAL C 26 -6.38 12.32 -15.99
C VAL C 26 -5.33 13.46 -15.95
N LYS C 27 -4.16 13.17 -15.38
CA LYS C 27 -3.17 14.23 -15.12
C LYS C 27 -1.85 14.04 -15.84
N GLY C 28 -1.68 12.90 -16.52
CA GLY C 28 -0.43 12.59 -17.21
C GLY C 28 0.74 12.45 -16.24
N GLN C 29 0.44 11.94 -15.04
CA GLN C 29 1.44 11.81 -13.99
C GLN C 29 1.47 10.44 -13.36
N PHE C 30 2.55 10.16 -12.66
CA PHE C 30 2.74 8.91 -11.93
C PHE C 30 3.53 9.22 -10.67
N HIS C 31 2.99 8.80 -9.53
CA HIS C 31 3.66 9.00 -8.24
C HIS C 31 4.23 7.69 -7.71
N GLU C 32 5.53 7.66 -7.44
CA GLU C 32 6.15 6.52 -6.73
C GLU C 32 5.51 6.27 -5.35
N PHE C 33 5.12 7.34 -4.67
CA PHE C 33 4.41 7.21 -3.40
C PHE C 33 3.00 7.80 -3.49
N GLN C 34 2.02 6.95 -3.20
CA GLN C 34 0.61 7.30 -3.37
C GLN C 34 -0.19 6.83 -2.17
N GLU C 35 -0.95 7.74 -1.56
CA GLU C 35 -1.79 7.36 -0.43
C GLU C 35 -2.87 6.37 -0.87
N SER C 36 -3.08 5.35 -0.05
CA SER C 36 -4.23 4.47 -0.18
C SER C 36 -5.51 5.31 -0.22
N THR C 37 -6.37 4.99 -1.16
CA THR C 37 -7.64 5.70 -1.31
C THR C 37 -8.58 5.30 -0.18
N ILE C 38 -9.30 6.28 0.35
CA ILE C 38 -10.28 6.07 1.42
C ILE C 38 -11.70 6.34 0.89
N GLY C 39 -12.44 5.28 0.65
CA GLY C 39 -13.77 5.39 0.06
C GLY C 39 -13.65 5.41 -1.44
N ALA C 40 -13.78 6.60 -2.04
CA ALA C 40 -13.64 6.74 -3.49
C ALA C 40 -13.28 8.15 -3.94
N ALA C 41 -12.37 8.25 -4.91
CA ALA C 41 -11.98 9.50 -5.54
C ALA C 41 -12.75 9.75 -6.85
N PHE C 42 -13.19 10.99 -7.07
CA PHE C 42 -13.89 11.38 -8.29
C PHE C 42 -13.02 12.27 -9.19
N LEU C 43 -12.84 11.85 -10.43
CA LEU C 43 -12.06 12.58 -11.43
C LEU C 43 -12.78 12.49 -12.77
N THR C 44 -12.44 13.41 -13.65
CA THR C 44 -12.98 13.43 -14.98
C THR C 44 -11.92 13.68 -16.05
N GLN C 45 -12.05 13.02 -17.18
CA GLN C 45 -11.20 13.23 -18.32
C GLN C 45 -12.01 12.98 -19.56
N THR C 46 -11.53 13.43 -20.69
CA THR C 46 -12.21 13.26 -21.94
C THR C 46 -11.37 12.47 -22.93
N VAL C 47 -12.03 11.77 -23.82
CA VAL C 47 -11.40 11.12 -24.97
C VAL C 47 -11.99 11.77 -26.21
N CYS C 48 -11.14 12.25 -27.11
CA CYS C 48 -11.60 12.83 -28.37
C CYS C 48 -11.58 11.79 -29.46
N LEU C 49 -12.75 11.44 -29.96
CA LEU C 49 -12.84 10.55 -31.11
C LEU C 49 -12.99 11.40 -32.37
N ASP C 50 -13.23 10.76 -33.52
CA ASP C 50 -13.35 11.50 -34.79
C ASP C 50 -14.50 12.48 -34.78
N ASP C 51 -15.68 12.02 -34.42
CA ASP C 51 -16.86 12.85 -34.52
C ASP C 51 -17.60 13.01 -33.21
N THR C 52 -17.05 12.42 -32.15
CA THR C 52 -17.65 12.52 -30.82
C THR C 52 -16.57 12.79 -29.76
N THR C 53 -16.95 13.54 -28.73
CA THR C 53 -16.14 13.69 -27.53
C THR C 53 -16.79 12.93 -26.38
N VAL C 54 -16.03 12.00 -25.81
CA VAL C 54 -16.52 11.19 -24.70
C VAL C 54 -15.95 11.72 -23.39
N LYS C 55 -16.83 12.05 -22.44
CA LYS C 55 -16.40 12.47 -21.12
C LYS C 55 -16.62 11.33 -20.11
N PHE C 56 -15.58 10.98 -19.37
CA PHE C 56 -15.69 9.97 -18.35
C PHE C 56 -15.83 10.61 -16.99
N GLU C 57 -16.85 10.18 -16.25
CA GLU C 57 -16.98 10.44 -14.82
C GLU C 57 -16.42 9.23 -14.10
N ILE C 58 -15.23 9.41 -13.54
CA ILE C 58 -14.40 8.31 -13.07
C ILE C 58 -14.51 8.13 -11.56
N TRP C 59 -14.91 6.93 -11.11
CA TRP C 59 -14.95 6.63 -9.67
C TRP C 59 -13.85 5.64 -9.34
N ASP C 60 -12.86 6.14 -8.62
CA ASP C 60 -11.68 5.37 -8.25
C ASP C 60 -11.84 4.93 -6.77
N THR C 61 -12.30 3.69 -6.60
CA THR C 61 -12.73 3.17 -5.30
C THR C 61 -11.53 2.73 -4.48
N ALA C 62 -11.70 2.69 -3.15
CA ALA C 62 -10.73 2.07 -2.28
C ALA C 62 -10.87 0.55 -2.41
N GLY C 63 -9.76 -0.14 -2.58
CA GLY C 63 -9.73 -1.57 -2.66
C GLY C 63 -9.69 -2.36 -1.36
N LEU C 64 -9.32 -1.74 -0.28
CA LEU C 64 -9.39 -2.39 1.00
C LEU C 64 -10.72 -3.10 1.23
N GLU C 65 -10.69 -4.30 1.76
CA GLU C 65 -11.90 -5.04 1.95
C GLU C 65 -12.90 -4.36 2.84
N ARG C 66 -12.45 -3.62 3.85
CA ARG C 66 -13.38 -2.93 4.76
C ARG C 66 -14.34 -1.97 4.03
N TYR C 67 -13.98 -1.59 2.80
CA TYR C 67 -14.79 -0.67 2.00
C TYR C 67 -15.62 -1.41 0.97
N HIS C 68 -15.59 -2.74 1.00
CA HIS C 68 -16.20 -3.57 -0.05
C HIS C 68 -17.69 -3.31 -0.27
N SER C 69 -18.44 -3.20 0.83
CA SER C 69 -19.88 -2.97 0.78
C SER C 69 -20.30 -1.62 0.17
N LEU C 70 -19.35 -0.69 0.06
CA LEU C 70 -19.61 0.59 -0.61
C LEU C 70 -19.55 0.52 -2.14
N ALA C 71 -18.88 -0.51 -2.67
CA ALA C 71 -18.56 -0.57 -4.11
C ALA C 71 -19.75 -0.59 -5.06
N PRO C 72 -20.82 -1.35 -4.70
CA PRO C 72 -22.02 -1.37 -5.53
C PRO C 72 -22.61 0.01 -5.79
N MET C 73 -22.41 0.91 -4.84
CA MET C 73 -22.85 2.30 -5.01
C MET C 73 -22.13 2.93 -6.19
N TYR C 74 -20.84 2.63 -6.33
CA TYR C 74 -20.05 3.14 -7.45
C TYR C 74 -20.18 2.35 -8.75
N TYR C 75 -20.40 1.04 -8.69
CA TYR C 75 -20.53 0.29 -9.95
C TYR C 75 -21.93 0.20 -10.53
N ARG C 76 -22.95 0.37 -9.69
CA ARG C 76 -24.32 0.40 -10.18
C ARG C 76 -24.55 1.68 -10.96
N GLY C 77 -25.00 1.56 -12.20
CA GLY C 77 -25.15 2.74 -13.05
C GLY C 77 -23.94 3.03 -13.94
N ALA C 78 -22.80 2.39 -13.65
CA ALA C 78 -21.60 2.60 -14.46
C ALA C 78 -21.74 1.91 -15.80
N GLN C 79 -21.60 2.66 -16.90
CA GLN C 79 -21.65 2.06 -18.24
C GLN C 79 -20.41 1.23 -18.55
N ALA C 80 -19.34 1.48 -17.79
CA ALA C 80 -18.08 0.77 -17.94
C ALA C 80 -17.40 0.55 -16.59
N ALA C 81 -16.76 -0.61 -16.44
CA ALA C 81 -16.01 -0.92 -15.25
C ALA C 81 -14.60 -1.34 -15.65
N ILE C 82 -13.59 -0.92 -14.91
CA ILE C 82 -12.24 -1.47 -15.11
C ILE C 82 -11.83 -2.27 -13.89
N VAL C 83 -11.69 -3.58 -14.05
CA VAL C 83 -11.18 -4.40 -12.95
C VAL C 83 -9.67 -4.53 -13.13
N VAL C 84 -8.94 -4.20 -12.08
CA VAL C 84 -7.48 -4.11 -12.16
C VAL C 84 -6.83 -5.19 -11.30
N TYR C 85 -5.79 -5.82 -11.83
CA TYR C 85 -4.90 -6.65 -10.99
C TYR C 85 -3.46 -6.22 -11.24
N ASP C 86 -2.58 -6.81 -10.45
CA ASP C 86 -1.14 -6.60 -10.52
C ASP C 86 -0.57 -7.88 -11.16
N ILE C 87 0.18 -7.73 -12.25
CA ILE C 87 0.68 -8.92 -12.97
C ILE C 87 1.74 -9.70 -12.18
N THR C 88 2.30 -9.06 -11.16
CA THR C 88 3.29 -9.68 -10.30
C THR C 88 2.67 -10.29 -9.06
N ASN C 89 1.36 -10.25 -8.96
CA ASN C 89 0.71 -10.78 -7.80
C ASN C 89 -0.43 -11.61 -8.23
N GLU C 90 -0.25 -12.90 -8.14
CA GLU C 90 -1.25 -13.79 -8.61
C GLU C 90 -2.53 -13.75 -7.79
N GLU C 91 -2.46 -13.53 -6.48
CA GLU C 91 -3.67 -13.46 -5.72
C GLU C 91 -4.50 -12.24 -6.12
N SER C 92 -3.84 -11.17 -6.48
CA SER C 92 -4.52 -10.00 -6.92
C SER C 92 -5.32 -10.36 -8.15
N PHE C 93 -4.82 -11.31 -8.91
CA PHE C 93 -5.51 -11.76 -10.09
C PHE C 93 -6.74 -12.56 -9.72
N ALA C 94 -6.60 -13.43 -8.74
CA ALA C 94 -7.72 -14.20 -8.19
C ALA C 94 -8.80 -13.26 -7.64
N ARG C 95 -8.39 -12.22 -6.92
CA ARG C 95 -9.34 -11.20 -6.42
C ARG C 95 -10.10 -10.49 -7.55
N ALA C 96 -9.37 -10.10 -8.60
CA ALA C 96 -9.96 -9.50 -9.81
C ALA C 96 -11.08 -10.37 -10.40
N LYS C 97 -10.86 -11.68 -10.44
CA LYS C 97 -11.88 -12.63 -10.90
C LYS C 97 -13.13 -12.61 -10.02
N ASN C 98 -12.96 -12.37 -8.74
CA ASN C 98 -14.12 -12.24 -7.87
C ASN C 98 -14.89 -10.93 -8.08
N TRP C 99 -14.17 -9.85 -8.43
CA TRP C 99 -14.80 -8.59 -8.81
C TRP C 99 -15.65 -8.74 -10.07
N VAL C 100 -15.10 -9.44 -11.06
CA VAL C 100 -15.77 -9.69 -12.34
C VAL C 100 -17.10 -10.43 -12.08
N LYS C 101 -17.02 -11.54 -11.36
CA LYS C 101 -18.22 -12.33 -11.05
C LYS C 101 -19.28 -11.47 -10.32
N GLU C 102 -18.85 -10.65 -9.36
CA GLU C 102 -19.76 -9.72 -8.69
C GLU C 102 -20.45 -8.78 -9.69
N LEU C 103 -19.67 -8.19 -10.60
CA LEU C 103 -20.22 -7.34 -11.66
C LEU C 103 -21.18 -8.12 -12.57
N GLN C 104 -20.83 -9.33 -12.92
CA GLN C 104 -21.65 -10.16 -13.79
C GLN C 104 -22.97 -10.55 -13.15
N ARG C 105 -22.90 -10.82 -11.87
CA ARG C 105 -24.02 -11.21 -11.07
C ARG C 105 -24.97 -10.10 -10.81
N GLN C 106 -24.52 -8.88 -10.98
CA GLN C 106 -25.36 -7.75 -10.64
C GLN C 106 -24.92 -6.44 -11.27
N ALA C 107 -25.15 -6.33 -12.56
CA ALA C 107 -24.67 -5.20 -13.32
C ALA C 107 -25.21 -5.20 -14.77
N SER C 108 -24.80 -4.25 -15.59
CA SER C 108 -25.44 -4.17 -16.87
C SER C 108 -25.07 -5.35 -17.72
N PRO C 109 -26.03 -5.95 -18.41
CA PRO C 109 -25.66 -7.05 -19.32
C PRO C 109 -24.68 -6.56 -20.37
N ASN C 110 -24.91 -5.35 -20.89
CA ASN C 110 -24.08 -4.76 -21.94
C ASN C 110 -23.14 -3.63 -21.47
N ILE C 111 -22.88 -3.60 -20.17
CA ILE C 111 -21.81 -2.80 -19.59
C ILE C 111 -20.52 -3.18 -20.33
N VAL C 112 -19.54 -2.30 -20.37
CA VAL C 112 -18.22 -2.74 -20.78
C VAL C 112 -17.48 -3.10 -19.50
N ILE C 113 -16.96 -4.32 -19.42
CA ILE C 113 -16.03 -4.66 -18.35
C ILE C 113 -14.64 -4.83 -18.94
N ALA C 114 -13.75 -3.95 -18.52
CA ALA C 114 -12.36 -3.97 -18.95
C ALA C 114 -11.52 -4.56 -17.86
N LEU C 115 -10.44 -5.24 -18.25
CA LEU C 115 -9.55 -5.87 -17.30
C LEU C 115 -8.16 -5.35 -17.54
N SER C 116 -7.58 -4.76 -16.50
CA SER C 116 -6.24 -4.21 -16.58
C SER C 116 -5.28 -5.11 -15.84
N GLY C 117 -4.29 -5.62 -16.55
CA GLY C 117 -3.17 -6.34 -15.93
C GLY C 117 -2.09 -5.33 -15.74
N ASN C 118 -2.11 -4.66 -14.58
CA ASN C 118 -1.27 -3.48 -14.35
C ASN C 118 0.13 -3.83 -13.82
N LYS C 119 1.01 -2.83 -13.79
CA LYS C 119 2.43 -2.98 -13.36
C LYS C 119 3.22 -3.87 -14.34
N ALA C 120 2.78 -3.88 -15.59
CA ALA C 120 3.38 -4.71 -16.64
C ALA C 120 4.84 -4.35 -16.95
N ASP C 121 5.30 -3.22 -16.41
CA ASP C 121 6.73 -2.84 -16.46
C ASP C 121 7.60 -3.73 -15.57
N LEU C 122 6.97 -4.47 -14.68
CA LEU C 122 7.70 -5.34 -13.80
C LEU C 122 7.70 -6.73 -14.37
N ALA C 123 8.06 -6.82 -15.63
CA ALA C 123 8.06 -8.04 -16.40
C ALA C 123 8.87 -9.10 -15.68
N ASN C 124 9.97 -8.64 -15.12
CA ASN C 124 10.86 -9.44 -14.38
C ASN C 124 10.15 -10.20 -13.25
N LYS C 125 9.17 -9.57 -12.63
CA LYS C 125 8.48 -10.14 -11.50
C LYS C 125 7.14 -10.79 -11.86
N ARG C 126 6.92 -11.01 -13.15
CA ARG C 126 5.67 -11.57 -13.65
C ARG C 126 5.24 -12.84 -12.91
N ALA C 127 4.00 -12.82 -12.40
CA ALA C 127 3.41 -13.99 -11.75
C ALA C 127 2.23 -14.51 -12.55
N VAL C 128 1.50 -13.61 -13.21
CA VAL C 128 0.34 -13.97 -14.03
C VAL C 128 0.69 -13.89 -15.52
N ASP C 129 0.58 -15.01 -16.21
CA ASP C 129 0.91 -15.09 -17.63
C ASP C 129 -0.10 -14.29 -18.45
N PHE C 130 0.41 -13.59 -19.47
CA PHE C 130 -0.46 -12.88 -20.42
C PHE C 130 -1.50 -13.81 -21.07
N GLN C 131 -1.10 -15.03 -21.41
CA GLN C 131 -2.03 -15.92 -22.11
C GLN C 131 -3.12 -16.51 -21.22
N GLU C 132 -2.78 -16.80 -19.96
CA GLU C 132 -3.76 -17.21 -18.94
C GLU C 132 -4.82 -16.12 -18.72
N ALA C 133 -4.35 -14.87 -18.68
CA ALA C 133 -5.20 -13.72 -18.46
C ALA C 133 -6.10 -13.41 -19.67
N GLN C 134 -5.52 -13.50 -20.86
CA GLN C 134 -6.25 -13.19 -22.09
C GLN C 134 -7.35 -14.22 -22.34
N SER C 135 -7.03 -15.50 -22.11
CA SER C 135 -7.98 -16.60 -22.28
C SER C 135 -9.15 -16.47 -21.30
N TYR C 136 -8.83 -16.02 -20.09
CA TYR C 136 -9.84 -15.75 -19.09
C TYR C 136 -10.73 -14.60 -19.55
N ALA C 137 -10.10 -13.52 -20.00
CA ALA C 137 -10.81 -12.35 -20.50
C ALA C 137 -11.79 -12.75 -21.60
N ASP C 138 -11.28 -13.54 -22.55
CA ASP C 138 -12.08 -14.03 -23.68
C ASP C 138 -13.25 -14.89 -23.22
N ASP C 139 -13.01 -15.78 -22.27
CA ASP C 139 -14.05 -16.66 -21.71
C ASP C 139 -15.18 -15.84 -21.10
N ASN C 140 -14.84 -14.66 -20.60
CA ASN C 140 -15.80 -13.83 -19.89
C ASN C 140 -16.18 -12.54 -20.62
N SER C 141 -15.83 -12.47 -21.89
CA SER C 141 -16.12 -11.33 -22.76
C SER C 141 -15.65 -10.01 -22.14
N LEU C 142 -14.40 -10.02 -21.68
CA LEU C 142 -13.77 -8.84 -21.07
C LEU C 142 -12.83 -8.16 -22.07
N LEU C 143 -12.76 -6.83 -21.96
CA LEU C 143 -11.81 -6.04 -22.74
C LEU C 143 -10.50 -5.98 -21.96
N PHE C 144 -9.51 -6.75 -22.39
CA PHE C 144 -8.28 -6.92 -21.61
C PHE C 144 -7.08 -6.26 -22.26
N MET C 145 -6.27 -5.60 -21.42
CA MET C 145 -4.96 -5.12 -21.81
C MET C 145 -4.07 -5.18 -20.59
N GLU C 146 -2.78 -5.41 -20.82
CA GLU C 146 -1.78 -5.22 -19.78
C GLU C 146 -1.35 -3.76 -19.84
N THR C 147 -1.17 -3.16 -18.66
CA THR C 147 -0.93 -1.72 -18.57
C THR C 147 0.23 -1.43 -17.64
N SER C 148 0.76 -0.22 -17.77
CA SER C 148 1.66 0.31 -16.77
C SER C 148 1.36 1.77 -16.57
N ALA C 149 0.89 2.12 -15.38
CA ALA C 149 0.75 3.54 -15.05
C ALA C 149 2.12 4.22 -15.04
N LYS C 150 3.15 3.46 -14.68
CA LYS C 150 4.51 3.97 -14.59
C LYS C 150 5.06 4.46 -15.93
N THR C 151 5.07 3.57 -16.92
CA THR C 151 5.66 3.84 -18.25
C THR C 151 4.66 4.46 -19.23
N SER C 152 3.37 4.48 -18.83
CA SER C 152 2.27 4.87 -19.70
C SER C 152 2.10 3.88 -20.84
N MET C 153 2.02 2.59 -20.48
CA MET C 153 1.75 1.52 -21.44
C MET C 153 0.26 1.22 -21.36
N ASN C 154 -0.45 1.47 -22.46
CA ASN C 154 -1.86 1.08 -22.64
C ASN C 154 -2.90 1.77 -21.74
N VAL C 155 -2.48 2.80 -20.99
CA VAL C 155 -3.39 3.53 -20.11
C VAL C 155 -4.40 4.34 -20.92
N ASN C 156 -3.90 5.22 -21.76
CA ASN C 156 -4.75 5.97 -22.69
C ASN C 156 -5.51 5.03 -23.62
N GLU C 157 -4.85 3.95 -24.01
CA GLU C 157 -5.40 2.99 -24.96
C GLU C 157 -6.62 2.28 -24.39
N ILE C 158 -6.56 1.85 -23.13
CA ILE C 158 -7.69 1.14 -22.54
C ILE C 158 -8.95 2.05 -22.41
N PHE C 159 -8.75 3.29 -22.01
CA PHE C 159 -9.85 4.23 -21.87
C PHE C 159 -10.46 4.55 -23.25
N MET C 160 -9.59 4.81 -24.24
CA MET C 160 -10.07 5.07 -25.59
C MET C 160 -10.84 3.87 -26.15
N ALA C 161 -10.32 2.66 -25.90
CA ALA C 161 -10.99 1.40 -26.31
C ALA C 161 -12.38 1.28 -25.68
N ILE C 162 -12.48 1.62 -24.38
CA ILE C 162 -13.78 1.67 -23.71
C ILE C 162 -14.69 2.71 -24.35
N ALA C 163 -14.16 3.91 -24.59
CA ALA C 163 -14.94 5.00 -25.19
C ALA C 163 -15.54 4.60 -26.54
N LYS C 164 -14.76 3.86 -27.33
CA LYS C 164 -15.17 3.44 -28.67
C LYS C 164 -16.23 2.35 -28.64
N LYS C 165 -16.09 1.44 -27.67
CA LYS C 165 -17.02 0.30 -27.51
C LYS C 165 -18.42 0.73 -27.05
N LEU C 166 -18.49 1.75 -26.21
CA LEU C 166 -19.78 2.20 -25.69
C LEU C 166 -20.70 2.80 -26.76
N PRO C 167 -22.01 2.49 -26.69
CA PRO C 167 -22.95 3.12 -27.63
C PRO C 167 -22.94 4.63 -27.46
N LYS C 168 -22.86 5.35 -28.57
CA LYS C 168 -22.85 6.81 -28.54
C LYS C 168 -24.10 7.38 -29.23
N SER D 2 -11.42 17.41 -1.49
CA SER D 2 -12.88 17.60 -1.67
C SER D 2 -13.47 16.73 -2.79
N SER D 3 -12.61 15.98 -3.47
CA SER D 3 -13.07 15.05 -4.52
C SER D 3 -12.78 13.59 -4.14
N GLU D 4 -12.23 13.39 -2.94
CA GLU D 4 -12.11 12.05 -2.37
C GLU D 4 -12.81 11.96 -1.02
N GLY D 5 -13.22 10.75 -0.68
CA GLY D 5 -13.90 10.48 0.57
C GLY D 5 -15.20 9.79 0.28
N PHE D 6 -16.14 9.96 1.21
CA PHE D 6 -17.41 9.26 1.13
C PHE D 6 -18.44 10.14 0.45
N ILE D 7 -18.24 10.33 -0.85
CA ILE D 7 -19.09 11.15 -1.70
C ILE D 7 -20.09 10.26 -2.45
N CYS D 8 -21.35 10.68 -2.46
CA CYS D 8 -22.39 9.92 -3.18
C CYS D 8 -22.26 10.09 -4.69
N PRO D 9 -22.08 8.97 -5.42
CA PRO D 9 -21.91 8.99 -6.86
C PRO D 9 -23.16 9.33 -7.65
N GLN D 10 -24.33 9.33 -7.02
CA GLN D 10 -25.57 9.61 -7.72
C GLN D 10 -25.94 11.10 -7.70
N CYS D 11 -25.78 11.75 -6.55
CA CYS D 11 -26.13 13.18 -6.44
C CYS D 11 -24.97 14.10 -6.06
N MET D 12 -23.80 13.51 -5.79
CA MET D 12 -22.55 14.24 -5.46
C MET D 12 -22.47 14.82 -4.03
N LYS D 13 -23.44 14.47 -3.19
CA LYS D 13 -23.46 14.89 -1.80
C LYS D 13 -22.27 14.21 -1.12
N SER D 14 -21.55 14.90 -0.25
CA SER D 14 -20.45 14.34 0.49
C SER D 14 -20.81 14.19 1.94
N LEU D 15 -20.43 13.06 2.54
CA LEU D 15 -20.79 12.72 3.93
C LEU D 15 -19.57 12.31 4.75
N GLY D 16 -19.64 12.55 6.07
CA GLY D 16 -18.48 12.42 6.97
C GLY D 16 -17.93 11.03 7.24
N SER D 17 -18.67 9.99 6.83
CA SER D 17 -18.27 8.60 7.10
C SER D 17 -18.91 7.64 6.10
N ALA D 18 -18.38 6.43 6.04
CA ALA D 18 -18.88 5.43 5.13
C ALA D 18 -20.25 4.97 5.55
N ASP D 19 -20.42 4.80 6.83
CA ASP D 19 -21.71 4.46 7.35
C ASP D 19 -22.76 5.48 6.94
N GLU D 20 -22.51 6.75 7.20
CA GLU D 20 -23.36 7.83 6.76
C GLU D 20 -23.71 7.74 5.27
N LEU D 21 -22.74 7.48 4.44
CA LEU D 21 -22.91 7.41 2.99
C LEU D 21 -23.87 6.28 2.61
N PHE D 22 -23.65 5.10 3.18
CA PHE D 22 -24.47 3.93 2.89
C PHE D 22 -25.92 4.16 3.31
N LYS D 23 -26.11 4.78 4.47
CA LYS D 23 -27.45 5.16 4.92
C LYS D 23 -28.13 6.19 4.01
N HIS D 24 -27.38 7.19 3.52
CA HIS D 24 -27.92 8.15 2.55
C HIS D 24 -28.33 7.47 1.27
N TYR D 25 -27.43 6.65 0.72
CA TYR D 25 -27.69 5.98 -0.56
C TYR D 25 -28.88 5.02 -0.50
N GLU D 26 -29.03 4.31 0.60
CA GLU D 26 -30.15 3.38 0.80
C GLU D 26 -31.48 4.14 0.91
N ALA D 27 -31.45 5.28 1.61
CA ALA D 27 -32.64 6.08 1.82
C ALA D 27 -33.10 6.78 0.54
N VAL D 28 -32.16 7.23 -0.28
CA VAL D 28 -32.50 8.12 -1.39
C VAL D 28 -32.42 7.45 -2.77
N HIS D 29 -31.42 6.60 -2.96
CA HIS D 29 -31.12 6.09 -4.29
C HIS D 29 -31.40 4.60 -4.46
N ASP D 30 -31.59 3.91 -3.34
CA ASP D 30 -31.83 2.48 -3.34
C ASP D 30 -32.97 2.14 -2.38
N ALA D 31 -34.08 2.85 -2.56
CA ALA D 31 -35.27 2.65 -1.71
C ALA D 31 -36.37 1.91 -2.48
N GLY D 32 -36.12 1.66 -3.76
CA GLY D 32 -36.97 0.79 -4.58
C GLY D 32 -38.35 1.32 -4.90
N ASN D 33 -38.42 2.60 -5.27
CA ASN D 33 -39.68 3.23 -5.71
C ASN D 33 -39.50 4.10 -6.97
N ASP D 34 -38.26 4.16 -7.46
CA ASP D 34 -37.91 4.95 -8.63
C ASP D 34 -37.74 4.04 -9.85
PG GTP E . 2.62 1.67 17.02
O1G GTP E . 1.14 1.94 17.18
O2G GTP E . 3.41 2.94 17.16
O3G GTP E . 2.83 1.07 15.64
O3B GTP E . 3.02 0.61 18.19
PB GTP E . 4.52 0.11 18.58
O1B GTP E . 4.90 -1.11 17.78
O2B GTP E . 5.54 1.21 18.49
O3A GTP E . 4.33 -0.41 20.10
PA GTP E . 4.80 0.36 21.45
O1A GTP E . 6.31 0.49 21.56
O2A GTP E . 4.13 1.71 21.63
O5' GTP E . 4.26 -0.66 22.56
C5' GTP E . 2.87 -0.90 22.75
C4' GTP E . 2.65 -1.39 24.18
O4' GTP E . 3.39 -2.60 24.39
C3' GTP E . 3.15 -0.39 25.22
O3' GTP E . 2.33 -0.49 26.36
C2' GTP E . 4.53 -0.91 25.56
O2' GTP E . 4.92 -0.50 26.85
C1' GTP E . 4.31 -2.42 25.47
N9 GTP E . 5.54 -3.18 25.20
C8 GTP E . 6.48 -2.92 24.24
N7 GTP E . 7.45 -3.84 24.33
C5 GTP E . 7.16 -4.71 25.34
C6 GTP E . 7.81 -5.83 25.85
O6 GTP E . 8.88 -6.19 25.37
N1 GTP E . 7.25 -6.54 26.90
C2 GTP E . 6.03 -6.11 27.43
N2 GTP E . 5.48 -6.76 28.44
N3 GTP E . 5.40 -4.99 26.93
C4 GTP E . 5.94 -4.30 25.90
MG MG F . 5.32 3.18 17.81
ZN ZN G . 11.40 16.63 1.82
PG GTP H . -5.87 1.42 -3.10
O1G GTP H . -5.37 1.10 -1.72
O2G GTP H . -6.33 2.86 -3.14
O3G GTP H . -7.01 0.49 -3.44
O3B GTP H . -4.56 1.18 -4.05
PB GTP H . -4.47 1.51 -5.62
O1B GTP H . -4.98 0.36 -6.44
O2B GTP H . -5.18 2.80 -5.95
O3A GTP H . -2.88 1.56 -5.90
PA GTP H . -2.03 2.89 -6.16
O1A GTP H . -2.41 3.58 -7.44
O2A GTP H . -2.06 3.83 -4.99
O5' GTP H . -0.54 2.28 -6.35
C5' GTP H . 0.11 1.52 -5.35
C4' GTP H . 1.63 1.52 -5.60
O4' GTP H . 1.90 0.85 -6.82
C3' GTP H . 2.19 2.94 -5.71
O3' GTP H . 3.41 3.04 -5.02
C2' GTP H . 2.45 3.12 -7.19
O2' GTP H . 3.61 3.89 -7.40
C1' GTP H . 2.63 1.69 -7.69
N9 GTP H . 2.17 1.50 -9.07
C8 GTP H . 0.92 1.74 -9.58
N7 GTP H . 0.94 1.41 -10.90
C5 GTP H . 2.18 0.95 -11.22
C6 GTP H . 2.75 0.50 -12.41
O6 GTP H . 2.09 0.43 -13.45
N1 GTP H . 4.06 0.09 -12.42
C2 GTP H . 4.83 0.13 -11.27
N2 GTP H . 6.10 -0.28 -11.33
N3 GTP H . 4.27 0.59 -10.09
C4 GTP H . 2.96 1.00 -10.08
MG MG I . -6.14 4.08 -4.78
ZN ZN J . -26.95 10.81 -3.14
#